data_4D3D
#
_entry.id   4D3D
#
_cell.length_a   55.777
_cell.length_b   59.593
_cell.length_c   214.867
_cell.angle_alpha   90.00
_cell.angle_beta   90.00
_cell.angle_gamma   90.00
#
_symmetry.space_group_name_H-M   'P 21 21 21'
#
loop_
_entity.id
_entity.type
_entity.pdbx_description
1 polymer 'IMINE REDUCTASE'
2 non-polymer 'MAGNESIUM ION'
3 non-polymer 'O-ACETALDEHYDYL-HEXAETHYLENE GLYCOL'
4 water water
#
_entity_poly.entity_id   1
_entity_poly.type   'polypeptide(L)'
_entity_poly.pdbx_seq_one_letter_code
;MKSNSQNEKNGSETTNAVGNRKSVTVIGLGPMGQAMADVFLEYGYSVTVWNRTSSKADQLVAKGAIRVSTVNEALAANEL
VILSLTDYNVMYSILEPVSENLFGKVLVNLSSDTPEKARKAAKWLEDRGARHITGGVQVPPSGIGKSESYTYYSGDRVVF
EAHRETLEVLTSSDYRGEDPGLAMLYYQIQMDIFWTAMLSYLHALAIANANGITAEQFLPYASAMMSSLPKFVEFYTPRL
DEGEHPGDVDRLAMGLASVEHVVHTTQEAGIDIALPATVLEVFRRGMKTGHASDSFTSLIEIFKNSDIRS
;
_entity_poly.pdbx_strand_id   A,B
#
# COMPACT_ATOMS: atom_id res chain seq x y z
N ASN A 20 1.52 -27.89 -33.43
CA ASN A 20 2.75 -27.17 -32.95
C ASN A 20 3.86 -27.27 -33.97
N ARG A 21 4.07 -26.19 -34.72
CA ARG A 21 5.14 -26.08 -35.75
C ARG A 21 6.56 -26.01 -35.21
N LYS A 22 6.70 -25.71 -33.92
CA LYS A 22 8.01 -25.54 -33.34
C LYS A 22 8.86 -24.53 -34.15
N SER A 23 8.20 -23.46 -34.50
CA SER A 23 8.90 -22.38 -35.30
C SER A 23 8.26 -21.05 -34.95
N VAL A 24 9.08 -20.04 -34.58
CA VAL A 24 8.56 -18.78 -34.07
C VAL A 24 9.52 -17.65 -34.35
N THR A 25 8.99 -16.44 -34.46
CA THR A 25 9.77 -15.20 -34.54
C THR A 25 9.58 -14.43 -33.19
N VAL A 26 10.68 -13.83 -32.74
CA VAL A 26 10.67 -12.97 -31.52
C VAL A 26 11.18 -11.63 -32.02
N ILE A 27 10.33 -10.60 -31.93
CA ILE A 27 10.71 -9.22 -32.26
C ILE A 27 10.82 -8.47 -30.89
N GLY A 28 11.99 -7.88 -30.65
CA GLY A 28 12.37 -7.28 -29.32
C GLY A 28 13.34 -8.11 -28.59
N LEU A 29 14.53 -7.59 -28.33
CA LEU A 29 15.65 -8.32 -27.78
C LEU A 29 16.25 -7.58 -26.58
N GLY A 30 15.37 -6.96 -25.82
CA GLY A 30 15.74 -6.60 -24.45
C GLY A 30 15.74 -7.86 -23.63
N PRO A 31 15.89 -7.72 -22.32
CA PRO A 31 16.04 -8.85 -21.44
C PRO A 31 14.86 -9.84 -21.56
N MET A 32 13.65 -9.28 -21.65
CA MET A 32 12.46 -10.13 -21.74
C MET A 32 12.45 -10.98 -23.05
N GLY A 33 12.62 -10.30 -24.16
CA GLY A 33 12.66 -10.97 -25.47
C GLY A 33 13.74 -12.00 -25.54
N GLN A 34 14.91 -11.67 -25.02
CA GLN A 34 16.01 -12.64 -25.00
C GLN A 34 15.72 -13.89 -24.14
N ALA A 35 15.09 -13.69 -22.97
CA ALA A 35 14.77 -14.83 -22.13
C ALA A 35 13.73 -15.73 -22.80
N MET A 36 12.83 -15.12 -23.55
CA MET A 36 11.80 -15.92 -24.26
C MET A 36 12.46 -16.72 -25.40
N ALA A 37 13.29 -16.02 -26.20
CA ALA A 37 14.02 -16.76 -27.24
C ALA A 37 14.89 -17.92 -26.73
N ASP A 38 15.54 -17.70 -25.58
CA ASP A 38 16.37 -18.69 -24.96
C ASP A 38 15.60 -19.98 -24.60
N VAL A 39 14.43 -19.77 -23.96
CA VAL A 39 13.60 -20.91 -23.59
C VAL A 39 13.06 -21.61 -24.85
N PHE A 40 12.61 -20.85 -25.83
CA PHE A 40 12.15 -21.48 -27.09
C PHE A 40 13.26 -22.35 -27.69
N LEU A 41 14.51 -21.83 -27.73
CA LEU A 41 15.65 -22.63 -28.26
C LEU A 41 15.85 -23.90 -27.45
N GLU A 42 15.80 -23.78 -26.14
CA GLU A 42 15.98 -24.96 -25.30
C GLU A 42 14.96 -26.05 -25.60
N TYR A 43 13.74 -25.67 -25.98
CA TYR A 43 12.69 -26.63 -26.26
C TYR A 43 12.66 -27.04 -27.74
N GLY A 44 13.71 -26.72 -28.49
CA GLY A 44 13.80 -27.24 -29.87
C GLY A 44 13.08 -26.47 -30.96
N TYR A 45 12.72 -25.23 -30.71
CA TYR A 45 12.09 -24.42 -31.69
C TYR A 45 13.14 -23.83 -32.63
N SER A 46 12.74 -23.60 -33.86
CA SER A 46 13.49 -22.69 -34.75
C SER A 46 13.12 -21.27 -34.28
N VAL A 47 14.08 -20.45 -33.95
CA VAL A 47 13.75 -19.10 -33.46
C VAL A 47 14.41 -18.03 -34.29
N THR A 48 13.63 -17.21 -34.96
CA THR A 48 14.14 -16.10 -35.80
C THR A 48 13.99 -14.84 -34.94
N VAL A 49 15.00 -14.03 -34.88
CA VAL A 49 15.02 -12.82 -34.00
C VAL A 49 15.36 -11.56 -34.78
N TRP A 50 14.80 -10.44 -34.32
CA TRP A 50 15.10 -9.09 -34.88
C TRP A 50 14.79 -8.08 -33.79
N ASN A 51 15.44 -6.90 -33.87
CA ASN A 51 15.03 -5.73 -33.06
C ASN A 51 15.48 -4.45 -33.78
N ARG A 52 15.03 -3.32 -33.24
CA ARG A 52 15.25 -2.05 -33.95
C ARG A 52 16.70 -1.57 -33.95
N THR A 53 17.47 -1.88 -32.88
CA THR A 53 18.82 -1.38 -32.76
C THR A 53 19.83 -2.43 -33.28
N SER A 54 19.33 -3.53 -33.88
CA SER A 54 20.24 -4.50 -34.53
C SER A 54 21.21 -5.15 -33.53
N SER A 55 20.74 -5.49 -32.34
CA SER A 55 21.58 -6.11 -31.31
C SER A 55 22.21 -7.36 -31.89
N LYS A 56 23.45 -7.68 -31.55
CA LYS A 56 24.10 -8.87 -32.16
C LYS A 56 23.53 -10.18 -31.63
N ALA A 57 23.04 -10.13 -30.39
CA ALA A 57 22.51 -11.32 -29.72
C ALA A 57 23.47 -12.52 -29.77
N ASP A 58 24.76 -12.26 -29.47
CA ASP A 58 25.75 -13.28 -29.74
C ASP A 58 25.42 -14.57 -28.98
N GLN A 59 24.98 -14.47 -27.71
CA GLN A 59 24.75 -15.67 -26.90
C GLN A 59 23.57 -16.51 -27.50
N LEU A 60 22.50 -15.83 -27.92
CA LEU A 60 21.36 -16.49 -28.55
C LEU A 60 21.76 -17.15 -29.89
N VAL A 61 22.55 -16.44 -30.69
CA VAL A 61 23.03 -17.00 -31.95
C VAL A 61 23.90 -18.24 -31.77
N ALA A 62 24.76 -18.27 -30.75
CA ALA A 62 25.59 -19.40 -30.49
C ALA A 62 24.71 -20.59 -30.13
N LYS A 63 23.52 -20.33 -29.54
CA LYS A 63 22.52 -21.40 -29.21
C LYS A 63 21.58 -21.74 -30.35
N GLY A 64 21.75 -21.13 -31.49
CA GLY A 64 20.96 -21.45 -32.69
C GLY A 64 19.99 -20.43 -33.21
N ALA A 65 19.86 -19.26 -32.59
CA ALA A 65 18.89 -18.27 -33.08
C ALA A 65 19.29 -17.75 -34.44
N ILE A 66 18.32 -17.44 -35.27
CA ILE A 66 18.51 -16.94 -36.62
C ILE A 66 18.25 -15.39 -36.56
N ARG A 67 19.32 -14.61 -36.63
CA ARG A 67 19.17 -13.16 -36.66
C ARG A 67 18.99 -12.65 -38.05
N VAL A 68 17.86 -12.01 -38.30
CA VAL A 68 17.59 -11.46 -39.63
C VAL A 68 17.89 -9.93 -39.57
N SER A 69 18.00 -9.35 -40.75
CA SER A 69 18.36 -7.87 -40.83
C SER A 69 17.18 -6.94 -40.69
N THR A 70 16.08 -7.27 -41.31
CA THR A 70 14.88 -6.39 -41.34
C THR A 70 13.63 -7.01 -40.73
N VAL A 71 12.70 -6.14 -40.34
CA VAL A 71 11.39 -6.59 -39.89
C VAL A 71 10.62 -7.35 -40.98
N ASN A 72 10.84 -7.01 -42.28
CA ASN A 72 10.21 -7.71 -43.34
C ASN A 72 10.62 -9.22 -43.27
N GLU A 73 11.90 -9.44 -43.05
CA GLU A 73 12.44 -10.84 -43.02
C GLU A 73 11.87 -11.49 -41.78
N ALA A 74 11.80 -10.76 -40.68
CA ALA A 74 11.30 -11.36 -39.45
C ALA A 74 9.88 -11.83 -39.59
N LEU A 75 9.02 -11.02 -40.22
CA LEU A 75 7.64 -11.39 -40.40
C LEU A 75 7.49 -12.57 -41.41
N ALA A 76 8.30 -12.58 -42.46
CA ALA A 76 8.22 -13.66 -43.48
C ALA A 76 8.62 -15.03 -42.95
N ALA A 77 9.44 -15.05 -41.92
CA ALA A 77 10.02 -16.29 -41.31
C ALA A 77 8.94 -17.25 -40.76
N ASN A 78 7.85 -16.71 -40.22
CA ASN A 78 6.87 -17.51 -39.43
C ASN A 78 5.47 -16.96 -39.44
N GLU A 79 4.51 -17.85 -39.24
CA GLU A 79 3.12 -17.48 -38.93
C GLU A 79 3.03 -16.82 -37.55
N LEU A 80 3.67 -17.39 -36.55
CA LEU A 80 3.60 -16.90 -35.13
C LEU A 80 4.73 -15.93 -34.81
N VAL A 81 4.34 -14.74 -34.38
CA VAL A 81 5.30 -13.64 -34.12
C VAL A 81 5.03 -13.13 -32.72
N ILE A 82 6.00 -13.19 -31.86
CA ILE A 82 5.88 -12.73 -30.46
C ILE A 82 6.55 -11.34 -30.42
N LEU A 83 5.86 -10.32 -29.94
CA LEU A 83 6.48 -8.99 -29.84
C LEU A 83 6.74 -8.66 -28.37
N SER A 84 7.93 -8.14 -28.07
CA SER A 84 8.24 -7.60 -26.77
C SER A 84 8.87 -6.23 -26.98
N LEU A 85 8.04 -5.20 -27.13
CA LEU A 85 8.48 -3.88 -27.48
C LEU A 85 8.18 -2.89 -26.35
N THR A 86 8.71 -1.67 -26.49
CA THR A 86 8.47 -0.66 -25.38
C THR A 86 6.99 -0.36 -25.12
N ASP A 87 6.20 -0.25 -26.19
CA ASP A 87 4.80 0.09 -26.11
C ASP A 87 4.16 -0.13 -27.52
N TYR A 88 2.87 0.10 -27.64
CA TYR A 88 2.16 -0.05 -28.93
C TYR A 88 2.53 0.94 -30.00
N ASN A 89 2.96 2.17 -29.64
CA ASN A 89 3.38 3.10 -30.69
C ASN A 89 4.56 2.59 -31.53
N VAL A 90 5.43 1.83 -30.89
CA VAL A 90 6.58 1.20 -31.59
C VAL A 90 6.02 0.19 -32.59
N MET A 91 5.03 -0.57 -32.19
CA MET A 91 4.45 -1.56 -33.11
C MET A 91 4.00 -0.86 -34.40
N TYR A 92 3.30 0.26 -34.29
CA TYR A 92 2.86 0.96 -35.48
C TYR A 92 4.02 1.45 -36.27
N SER A 93 5.03 1.98 -35.61
CA SER A 93 6.17 2.54 -36.37
C SER A 93 6.82 1.54 -37.25
N ILE A 94 7.03 0.38 -36.66
CA ILE A 94 7.74 -0.69 -37.41
C ILE A 94 6.82 -1.43 -38.38
N LEU A 95 5.59 -1.63 -38.05
CA LEU A 95 4.66 -2.41 -38.95
C LEU A 95 3.90 -1.65 -40.07
N GLU A 96 3.53 -0.40 -39.84
CA GLU A 96 2.75 0.33 -40.84
C GLU A 96 3.42 0.32 -42.24
N PRO A 97 4.75 0.50 -42.28
CA PRO A 97 5.44 0.40 -43.59
C PRO A 97 5.43 -0.95 -44.24
N VAL A 98 5.13 -2.00 -43.48
CA VAL A 98 5.00 -3.34 -44.03
C VAL A 98 3.62 -3.92 -43.85
N SER A 99 2.59 -3.06 -43.91
CA SER A 99 1.23 -3.45 -43.60
C SER A 99 0.69 -4.57 -44.57
N GLU A 100 1.20 -4.60 -45.82
CA GLU A 100 0.78 -5.60 -46.82
C GLU A 100 1.38 -6.99 -46.54
N ASN A 101 2.35 -7.08 -45.64
CA ASN A 101 3.05 -8.36 -45.37
C ASN A 101 2.43 -9.11 -44.12
N LEU A 102 1.27 -8.68 -43.63
CA LEU A 102 0.75 -9.14 -42.31
C LEU A 102 -0.27 -10.15 -42.47
N PHE A 103 -0.73 -10.35 -43.74
CA PHE A 103 -1.77 -11.26 -43.98
C PHE A 103 -1.38 -12.65 -43.49
N GLY A 104 -2.26 -13.30 -42.73
CA GLY A 104 -2.07 -14.65 -42.23
C GLY A 104 -1.17 -14.81 -41.00
N LYS A 105 -0.66 -13.68 -40.49
CA LYS A 105 0.23 -13.71 -39.32
C LYS A 105 -0.58 -13.69 -38.03
N VAL A 106 -0.01 -14.26 -36.95
CA VAL A 106 -0.63 -14.25 -35.61
C VAL A 106 0.41 -13.49 -34.79
N LEU A 107 0.03 -12.28 -34.30
CA LEU A 107 0.88 -11.47 -33.49
C LEU A 107 0.47 -11.57 -32.01
N VAL A 108 1.37 -12.02 -31.14
CA VAL A 108 1.11 -12.11 -29.72
C VAL A 108 1.95 -11.00 -29.11
N ASN A 109 1.26 -9.93 -28.65
CA ASN A 109 1.94 -8.75 -28.24
C ASN A 109 2.05 -8.77 -26.70
N LEU A 110 3.26 -8.94 -26.22
CA LEU A 110 3.60 -9.04 -24.81
C LEU A 110 4.10 -7.74 -24.24
N SER A 111 3.85 -6.68 -24.97
CA SER A 111 4.30 -5.29 -24.58
C SER A 111 3.27 -4.72 -23.58
N SER A 112 3.74 -4.08 -22.53
CA SER A 112 2.75 -3.49 -21.62
C SER A 112 2.37 -2.05 -22.13
N ASP A 113 1.04 -1.85 -22.17
CA ASP A 113 0.36 -0.63 -22.61
C ASP A 113 -1.12 -0.64 -22.13
N THR A 114 -1.89 0.35 -22.56
CA THR A 114 -3.26 0.49 -22.07
C THR A 114 -4.24 -0.47 -22.71
N PRO A 115 -5.35 -0.73 -22.04
CA PRO A 115 -6.38 -1.58 -22.62
C PRO A 115 -6.89 -1.04 -23.96
N GLU A 116 -7.10 0.26 -24.06
CA GLU A 116 -7.61 0.79 -25.33
C GLU A 116 -6.58 0.70 -26.45
N LYS A 117 -5.28 0.82 -26.12
CA LYS A 117 -4.25 0.70 -27.17
C LYS A 117 -4.30 -0.72 -27.73
N ALA A 118 -4.44 -1.71 -26.85
CA ALA A 118 -4.50 -3.12 -27.25
C ALA A 118 -5.73 -3.37 -28.15
N ARG A 119 -6.87 -2.81 -27.75
CA ARG A 119 -8.12 -2.98 -28.57
C ARG A 119 -7.97 -2.38 -29.96
N LYS A 120 -7.41 -1.18 -30.04
CA LYS A 120 -7.26 -0.51 -31.29
C LYS A 120 -6.24 -1.27 -32.21
N ALA A 121 -5.19 -1.80 -31.58
CA ALA A 121 -4.16 -2.55 -32.33
C ALA A 121 -4.78 -3.80 -32.89
N ALA A 122 -5.64 -4.49 -32.13
CA ALA A 122 -6.24 -5.72 -32.60
C ALA A 122 -7.05 -5.45 -33.88
N LYS A 123 -7.83 -4.36 -33.86
CA LYS A 123 -8.67 -4.04 -35.01
C LYS A 123 -7.81 -3.67 -36.20
N TRP A 124 -6.78 -2.82 -36.00
CA TRP A 124 -5.84 -2.42 -37.03
C TRP A 124 -5.17 -3.64 -37.71
N LEU A 125 -4.77 -4.63 -36.91
CA LEU A 125 -4.18 -5.86 -37.45
C LEU A 125 -5.22 -6.70 -38.19
N GLU A 126 -6.43 -6.81 -37.67
CA GLU A 126 -7.47 -7.59 -38.32
C GLU A 126 -7.79 -7.00 -39.68
N ASP A 127 -7.76 -5.67 -39.77
CA ASP A 127 -8.04 -4.98 -41.03
C ASP A 127 -6.98 -5.35 -42.06
N ARG A 128 -5.78 -5.76 -41.62
CA ARG A 128 -4.67 -6.13 -42.49
C ARG A 128 -4.50 -7.69 -42.61
N GLY A 129 -5.50 -8.45 -42.18
CA GLY A 129 -5.53 -9.87 -42.33
C GLY A 129 -4.76 -10.67 -41.31
N ALA A 130 -4.33 -10.00 -40.23
CA ALA A 130 -3.59 -10.62 -39.13
C ALA A 130 -4.52 -10.88 -37.93
N ARG A 131 -4.08 -11.72 -37.00
CA ARG A 131 -4.80 -11.92 -35.75
C ARG A 131 -3.92 -11.44 -34.60
N HIS A 132 -4.54 -11.06 -33.47
CA HIS A 132 -3.84 -10.40 -32.35
C HIS A 132 -4.22 -11.12 -31.05
N ILE A 133 -3.21 -11.48 -30.27
CA ILE A 133 -3.40 -11.88 -28.90
C ILE A 133 -2.65 -10.92 -27.96
N THR A 134 -3.33 -10.54 -26.89
CA THR A 134 -2.69 -9.60 -25.85
C THR A 134 -2.18 -10.41 -24.72
N GLY A 135 -0.90 -10.21 -24.31
CA GLY A 135 -0.38 -10.86 -23.14
C GLY A 135 0.22 -9.83 -22.15
N GLY A 136 -0.05 -10.04 -20.88
CA GLY A 136 0.52 -9.23 -19.77
C GLY A 136 1.36 -10.10 -18.88
N VAL A 137 2.68 -10.07 -19.06
CA VAL A 137 3.58 -10.95 -18.36
C VAL A 137 3.74 -10.43 -16.93
N GLN A 138 3.52 -11.30 -15.98
CA GLN A 138 3.51 -10.90 -14.54
C GLN A 138 4.85 -11.05 -13.83
N VAL A 139 5.89 -11.52 -14.48
CA VAL A 139 7.16 -11.92 -13.89
C VAL A 139 8.34 -11.22 -14.64
N PRO A 140 9.49 -11.09 -13.97
CA PRO A 140 10.65 -10.52 -14.63
C PRO A 140 11.22 -11.60 -15.58
N PRO A 141 12.23 -11.25 -16.37
CA PRO A 141 12.78 -12.24 -17.31
C PRO A 141 13.21 -13.55 -16.66
N SER A 142 13.70 -13.51 -15.40
CA SER A 142 14.09 -14.69 -14.70
C SER A 142 12.98 -15.71 -14.48
N GLY A 143 11.71 -15.27 -14.59
CA GLY A 143 10.57 -16.17 -14.40
C GLY A 143 10.12 -16.86 -15.67
N ILE A 144 10.69 -16.46 -16.81
CA ILE A 144 10.37 -17.16 -18.07
C ILE A 144 10.91 -18.61 -18.05
N GLY A 145 10.10 -19.55 -18.47
CA GLY A 145 10.45 -20.96 -18.42
C GLY A 145 9.97 -21.65 -17.16
N LYS A 146 9.31 -20.91 -16.25
CA LYS A 146 8.84 -21.54 -14.96
C LYS A 146 7.34 -21.63 -14.89
N SER A 147 6.81 -22.82 -14.57
CA SER A 147 5.36 -23.01 -14.64
C SER A 147 4.64 -22.25 -13.49
N GLU A 148 5.35 -21.90 -12.44
CA GLU A 148 4.79 -21.03 -11.34
C GLU A 148 4.55 -19.59 -11.82
N SER A 149 5.18 -19.21 -12.95
CA SER A 149 4.95 -17.89 -13.52
C SER A 149 3.65 -17.85 -14.32
N TYR A 150 2.92 -16.74 -14.28
CA TYR A 150 1.70 -16.55 -15.05
C TYR A 150 1.76 -15.31 -15.95
N THR A 151 1.12 -15.40 -17.10
CA THR A 151 0.85 -14.30 -17.99
C THR A 151 -0.65 -14.20 -18.23
N TYR A 152 -1.24 -13.00 -18.11
CA TYR A 152 -2.61 -12.77 -18.50
C TYR A 152 -2.74 -12.74 -20.01
N TYR A 153 -3.74 -13.42 -20.57
CA TYR A 153 -3.98 -13.38 -22.00
C TYR A 153 -5.40 -12.98 -22.32
N SER A 154 -5.59 -12.31 -23.42
CA SER A 154 -6.94 -12.09 -23.95
C SER A 154 -6.95 -11.85 -25.44
N GLY A 155 -8.15 -11.98 -26.04
CA GLY A 155 -8.30 -11.96 -27.47
C GLY A 155 -9.11 -13.19 -27.95
N ASP A 156 -9.24 -13.29 -29.30
CA ASP A 156 -10.01 -14.40 -29.86
C ASP A 156 -9.63 -15.72 -29.27
N ARG A 157 -10.60 -16.45 -28.73
CA ARG A 157 -10.36 -17.66 -28.06
C ARG A 157 -9.83 -18.85 -28.95
N VAL A 158 -10.31 -18.91 -30.19
CA VAL A 158 -9.84 -19.95 -31.14
C VAL A 158 -8.35 -19.76 -31.51
N VAL A 159 -7.96 -18.47 -31.68
CA VAL A 159 -6.60 -18.12 -32.00
C VAL A 159 -5.73 -18.45 -30.77
N PHE A 160 -6.19 -18.10 -29.55
CA PHE A 160 -5.46 -18.40 -28.35
C PHE A 160 -5.27 -19.90 -28.19
N GLU A 161 -6.33 -20.69 -28.36
CA GLU A 161 -6.18 -22.12 -28.16
C GLU A 161 -5.23 -22.76 -29.20
N ALA A 162 -5.18 -22.19 -30.37
CA ALA A 162 -4.28 -22.72 -31.41
C ALA A 162 -2.82 -22.58 -31.06
N HIS A 163 -2.49 -21.55 -30.25
CA HIS A 163 -1.07 -21.26 -29.92
C HIS A 163 -0.73 -21.41 -28.48
N ARG A 164 -1.70 -21.82 -27.67
CA ARG A 164 -1.49 -21.98 -26.26
C ARG A 164 -0.32 -22.83 -25.86
N GLU A 165 -0.15 -23.99 -26.57
CA GLU A 165 0.94 -24.87 -26.24
C GLU A 165 2.29 -24.19 -26.33
N THR A 166 2.50 -23.40 -27.38
CA THR A 166 3.74 -22.62 -27.51
C THR A 166 3.84 -21.57 -26.40
N LEU A 167 2.76 -20.85 -26.20
CA LEU A 167 2.81 -19.78 -25.14
C LEU A 167 3.13 -20.35 -23.78
N GLU A 168 2.63 -21.53 -23.47
CA GLU A 168 2.88 -22.18 -22.21
C GLU A 168 4.30 -22.82 -22.02
N VAL A 169 5.16 -22.80 -23.05
CA VAL A 169 6.55 -23.04 -22.85
C VAL A 169 7.16 -21.88 -22.05
N LEU A 170 6.62 -20.69 -22.20
CA LEU A 170 7.17 -19.53 -21.52
C LEU A 170 6.71 -19.36 -20.06
N THR A 171 5.40 -19.45 -19.86
CA THR A 171 4.81 -19.36 -18.54
C THR A 171 3.48 -20.12 -18.53
N SER A 172 2.86 -20.29 -17.33
CA SER A 172 1.45 -20.67 -17.31
C SER A 172 0.59 -19.54 -17.84
N SER A 173 -0.62 -19.85 -18.30
CA SER A 173 -1.51 -18.87 -18.90
C SER A 173 -2.69 -18.56 -17.93
N ASP A 174 -3.18 -17.35 -18.01
CA ASP A 174 -4.48 -16.98 -17.40
C ASP A 174 -5.29 -16.26 -18.38
N TYR A 175 -6.11 -16.99 -19.17
CA TYR A 175 -6.87 -16.43 -20.21
C TYR A 175 -8.11 -15.71 -19.62
N ARG A 176 -8.25 -14.40 -19.86
CA ARG A 176 -9.27 -13.60 -19.22
C ARG A 176 -10.54 -13.33 -20.04
N GLY A 177 -10.55 -13.64 -21.32
CA GLY A 177 -11.70 -13.34 -22.17
C GLY A 177 -11.38 -12.87 -23.54
N GLU A 178 -12.43 -12.66 -24.36
CA GLU A 178 -12.26 -12.38 -25.78
C GLU A 178 -11.84 -11.00 -26.07
N ASP A 179 -12.14 -10.06 -25.16
CA ASP A 179 -11.83 -8.66 -25.38
C ASP A 179 -10.31 -8.51 -25.31
N PRO A 180 -9.67 -8.01 -26.41
CA PRO A 180 -8.21 -7.83 -26.44
C PRO A 180 -7.67 -6.85 -25.41
N GLY A 181 -8.54 -5.98 -24.91
CA GLY A 181 -8.05 -5.09 -23.80
C GLY A 181 -7.90 -5.72 -22.47
N LEU A 182 -8.54 -6.90 -22.21
CA LEU A 182 -8.60 -7.44 -20.83
C LEU A 182 -7.28 -7.83 -20.24
N ALA A 183 -6.32 -8.39 -21.05
CA ALA A 183 -5.08 -8.76 -20.47
C ALA A 183 -4.33 -7.51 -19.92
N MET A 184 -4.42 -6.39 -20.66
CA MET A 184 -3.77 -5.15 -20.23
C MET A 184 -4.57 -4.50 -19.08
N LEU A 185 -5.89 -4.68 -19.06
CA LEU A 185 -6.71 -4.22 -17.86
C LEU A 185 -6.26 -4.85 -16.57
N TYR A 186 -6.22 -6.17 -16.49
CA TYR A 186 -5.77 -6.84 -15.32
C TYR A 186 -4.31 -6.49 -14.95
N TYR A 187 -3.45 -6.37 -15.98
CA TYR A 187 -2.08 -6.02 -15.69
C TYR A 187 -1.93 -4.57 -15.06
N GLN A 188 -2.58 -3.61 -15.69
CA GLN A 188 -2.44 -2.19 -15.31
C GLN A 188 -3.07 -1.94 -13.92
N ILE A 189 -4.21 -2.57 -13.63
CA ILE A 189 -4.86 -2.29 -12.28
C ILE A 189 -4.00 -2.89 -11.13
N GLN A 190 -3.28 -4.02 -11.40
CA GLN A 190 -2.37 -4.55 -10.40
C GLN A 190 -1.16 -3.61 -10.24
N MET A 191 -0.69 -3.05 -11.34
CA MET A 191 0.45 -2.13 -11.24
C MET A 191 0.06 -0.82 -10.55
N ASP A 192 -1.18 -0.40 -10.67
CA ASP A 192 -1.69 0.80 -9.92
C ASP A 192 -1.50 0.56 -8.43
N ILE A 193 -1.91 -0.61 -7.94
CA ILE A 193 -1.73 -1.01 -6.51
C ILE A 193 -0.20 -1.11 -6.18
N PHE A 194 0.58 -1.80 -7.03
CA PHE A 194 1.94 -2.01 -6.78
C PHE A 194 2.70 -0.70 -6.52
N TRP A 195 2.68 0.19 -7.51
CA TRP A 195 3.47 1.37 -7.42
C TRP A 195 2.99 2.31 -6.30
N THR A 196 1.68 2.42 -6.14
CA THR A 196 1.16 3.39 -5.14
C THR A 196 1.46 2.89 -3.75
N ALA A 197 1.23 1.57 -3.51
CA ALA A 197 1.50 0.99 -2.20
C ALA A 197 3.01 0.98 -1.87
N MET A 198 3.88 0.66 -2.87
CA MET A 198 5.30 0.68 -2.61
C MET A 198 5.83 2.08 -2.37
N LEU A 199 5.25 3.08 -3.06
CA LEU A 199 5.70 4.44 -2.76
C LEU A 199 5.23 4.84 -1.35
N SER A 200 4.06 4.38 -0.91
CA SER A 200 3.66 4.65 0.47
C SER A 200 4.53 4.06 1.52
N TYR A 201 5.10 2.85 1.24
CA TYR A 201 6.15 2.28 2.08
C TYR A 201 7.37 3.15 2.15
N LEU A 202 7.91 3.65 0.99
CA LEU A 202 9.09 4.47 0.99
C LEU A 202 8.82 5.78 1.73
N HIS A 203 7.61 6.29 1.56
CA HIS A 203 7.23 7.55 2.28
C HIS A 203 7.20 7.32 3.83
N ALA A 204 6.55 6.26 4.26
CA ALA A 204 6.51 5.86 5.66
C ALA A 204 7.93 5.64 6.20
N LEU A 205 8.81 4.97 5.44
CA LEU A 205 10.17 4.73 5.83
C LEU A 205 10.94 6.03 6.00
N ALA A 206 10.72 6.96 5.11
CA ALA A 206 11.41 8.25 5.25
C ALA A 206 11.05 8.93 6.61
N ILE A 207 9.76 8.87 6.97
CA ILE A 207 9.29 9.39 8.27
C ILE A 207 10.07 8.62 9.40
N ALA A 208 10.07 7.29 9.33
CA ALA A 208 10.73 6.45 10.34
C ALA A 208 12.19 6.84 10.51
N ASN A 209 12.92 6.92 9.39
CA ASN A 209 14.31 7.33 9.33
C ASN A 209 14.57 8.77 9.96
N ALA A 210 13.66 9.69 9.70
CA ALA A 210 13.85 11.06 10.28
C ALA A 210 13.78 10.99 11.77
N ASN A 211 13.02 10.05 12.32
CA ASN A 211 12.76 9.89 13.77
C ASN A 211 13.75 8.93 14.43
N GLY A 212 14.73 8.46 13.66
CA GLY A 212 15.80 7.56 14.19
C GLY A 212 15.60 6.10 14.18
N ILE A 213 14.70 5.60 13.34
CA ILE A 213 14.57 4.13 13.23
C ILE A 213 14.87 3.68 11.76
N THR A 214 15.38 2.45 11.68
CA THR A 214 15.84 1.92 10.39
C THR A 214 14.79 1.09 9.65
N ALA A 215 15.11 0.71 8.41
CA ALA A 215 14.24 -0.18 7.66
C ALA A 215 14.16 -1.53 8.31
N GLU A 216 15.27 -1.98 8.90
CA GLU A 216 15.24 -3.29 9.57
C GLU A 216 14.24 -3.26 10.75
N GLN A 217 14.21 -2.15 11.46
CA GLN A 217 13.29 -1.98 12.59
C GLN A 217 11.82 -1.93 12.15
N PHE A 218 11.62 -1.28 11.00
CA PHE A 218 10.26 -1.12 10.46
C PHE A 218 9.72 -2.36 9.80
N LEU A 219 10.62 -3.18 9.29
CA LEU A 219 10.25 -4.36 8.49
C LEU A 219 9.07 -5.22 8.97
N PRO A 220 9.08 -5.67 10.23
CA PRO A 220 7.95 -6.52 10.64
C PRO A 220 6.61 -5.82 10.63
N TYR A 221 6.63 -4.48 10.85
CA TYR A 221 5.38 -3.68 10.98
C TYR A 221 4.86 -3.33 9.55
N ALA A 222 5.77 -2.90 8.63
CA ALA A 222 5.39 -2.69 7.25
C ALA A 222 4.83 -3.98 6.67
N SER A 223 5.49 -5.08 6.96
CA SER A 223 5.08 -6.41 6.39
C SER A 223 3.78 -6.82 6.92
N ALA A 224 3.58 -6.66 8.24
CA ALA A 224 2.29 -7.06 8.84
C ALA A 224 1.10 -6.24 8.29
N MET A 225 1.30 -4.94 8.09
CA MET A 225 0.24 -4.08 7.62
C MET A 225 -0.11 -4.50 6.20
N MET A 226 0.91 -4.69 5.34
CA MET A 226 0.65 -5.12 3.97
CA MET A 226 0.63 -5.12 3.97
C MET A 226 -0.12 -6.45 3.91
N SER A 227 0.33 -7.43 4.68
CA SER A 227 -0.27 -8.77 4.69
C SER A 227 -1.67 -8.74 5.24
N SER A 228 -2.01 -7.70 6.02
CA SER A 228 -3.40 -7.56 6.50
C SER A 228 -4.42 -7.02 5.46
N LEU A 229 -3.94 -6.38 4.41
CA LEU A 229 -4.81 -5.70 3.50
C LEU A 229 -5.80 -6.62 2.79
N PRO A 230 -5.37 -7.83 2.38
CA PRO A 230 -6.40 -8.70 1.72
C PRO A 230 -7.64 -8.99 2.57
N LYS A 231 -7.49 -9.03 3.89
CA LYS A 231 -8.69 -9.26 4.73
C LYS A 231 -9.66 -8.11 4.58
N PHE A 232 -9.18 -6.87 4.49
CA PHE A 232 -10.04 -5.74 4.26
C PHE A 232 -10.70 -5.82 2.91
N VAL A 233 -9.94 -6.13 1.87
CA VAL A 233 -10.46 -6.28 0.53
C VAL A 233 -11.56 -7.39 0.52
N GLU A 234 -11.31 -8.51 1.17
CA GLU A 234 -12.32 -9.60 1.21
C GLU A 234 -13.63 -9.10 1.88
N PHE A 235 -13.50 -8.39 3.00
CA PHE A 235 -14.67 -7.77 3.72
C PHE A 235 -15.48 -6.84 2.88
N TYR A 236 -14.83 -5.85 2.25
CA TYR A 236 -15.57 -4.88 1.50
C TYR A 236 -16.09 -5.29 0.12
N THR A 237 -15.49 -6.34 -0.47
CA THR A 237 -15.80 -6.73 -1.87
C THR A 237 -17.33 -6.84 -2.18
N PRO A 238 -18.06 -7.65 -1.38
CA PRO A 238 -19.47 -7.89 -1.71
C PRO A 238 -20.27 -6.59 -1.54
N ARG A 239 -19.86 -5.72 -0.60
CA ARG A 239 -20.52 -4.41 -0.46
C ARG A 239 -20.29 -3.49 -1.61
N LEU A 240 -19.02 -3.43 -2.04
CA LEU A 240 -18.70 -2.66 -3.20
C LEU A 240 -19.49 -3.10 -4.48
N ASP A 241 -19.67 -4.42 -4.64
CA ASP A 241 -20.38 -4.92 -5.83
C ASP A 241 -21.88 -4.61 -5.77
N GLU A 242 -22.41 -4.42 -4.57
CA GLU A 242 -23.80 -3.90 -4.39
C GLU A 242 -23.92 -2.37 -4.41
N GLY A 243 -22.79 -1.65 -4.46
CA GLY A 243 -22.80 -0.20 -4.49
C GLY A 243 -23.17 0.39 -3.13
N GLU A 244 -22.94 -0.36 -2.08
CA GLU A 244 -23.35 -0.04 -0.70
C GLU A 244 -22.19 0.40 0.17
N HIS A 245 -22.33 1.57 0.80
CA HIS A 245 -21.24 2.16 1.66
C HIS A 245 -21.74 2.51 3.09
N PRO A 246 -22.49 1.59 3.72
CA PRO A 246 -23.00 2.00 5.03
C PRO A 246 -21.89 2.21 6.03
N GLY A 247 -22.08 3.16 6.96
CA GLY A 247 -21.11 3.35 8.00
C GLY A 247 -21.23 2.49 9.21
N ASP A 248 -21.52 1.20 9.03
CA ASP A 248 -21.73 0.32 10.17
C ASP A 248 -20.48 -0.17 10.90
N VAL A 249 -19.31 -0.30 10.23
CA VAL A 249 -18.07 -0.68 10.87
C VAL A 249 -17.00 0.44 10.79
N ASP A 250 -17.21 1.46 9.95
CA ASP A 250 -16.27 2.56 9.83
C ASP A 250 -16.95 3.77 9.22
N ARG A 251 -16.53 4.97 9.62
CA ARG A 251 -17.09 6.22 9.13
C ARG A 251 -15.99 7.08 8.52
N LEU A 252 -16.33 7.65 7.39
CA LEU A 252 -15.41 8.52 6.61
C LEU A 252 -14.84 9.66 7.47
N ALA A 253 -15.65 10.31 8.30
CA ALA A 253 -15.12 11.35 9.14
C ALA A 253 -14.00 10.91 10.09
N MET A 254 -14.10 9.69 10.56
CA MET A 254 -13.04 9.19 11.45
C MET A 254 -11.77 8.89 10.62
N GLY A 255 -11.97 8.36 9.43
CA GLY A 255 -10.87 8.13 8.50
C GLY A 255 -10.18 9.40 8.22
N LEU A 256 -10.90 10.47 7.90
CA LEU A 256 -10.31 11.77 7.69
C LEU A 256 -9.42 12.26 8.84
N ALA A 257 -9.89 12.11 10.06
CA ALA A 257 -9.10 12.49 11.21
C ALA A 257 -7.78 11.70 11.31
N SER A 258 -7.86 10.42 10.97
CA SER A 258 -6.65 9.53 10.91
C SER A 258 -5.66 10.01 9.86
N VAL A 259 -6.14 10.29 8.66
CA VAL A 259 -5.29 10.85 7.62
C VAL A 259 -4.66 12.16 7.98
N GLU A 260 -5.41 13.06 8.64
CA GLU A 260 -4.84 14.27 9.09
C GLU A 260 -3.63 14.06 10.04
N HIS A 261 -3.71 13.10 10.92
CA HIS A 261 -2.59 12.80 11.84
C HIS A 261 -1.34 12.30 11.06
N VAL A 262 -1.59 11.53 10.00
CA VAL A 262 -0.48 11.10 9.10
C VAL A 262 0.14 12.29 8.44
N VAL A 263 -0.64 13.23 7.89
CA VAL A 263 -0.15 14.45 7.32
C VAL A 263 0.70 15.27 8.32
N HIS A 264 0.18 15.51 9.51
CA HIS A 264 0.92 16.25 10.50
C HIS A 264 2.24 15.55 10.90
N THR A 265 2.21 14.24 11.02
CA THR A 265 3.41 13.42 11.35
C THR A 265 4.47 13.60 10.26
N THR A 266 4.00 13.63 8.99
CA THR A 266 4.83 13.85 7.81
C THR A 266 5.52 15.20 7.89
N GLN A 267 4.73 16.24 8.18
CA GLN A 267 5.28 17.59 8.20
C GLN A 267 6.30 17.79 9.31
N GLU A 268 6.01 17.23 10.47
CA GLU A 268 6.86 17.32 11.67
C GLU A 268 8.22 16.66 11.37
N ALA A 269 8.21 15.59 10.55
CA ALA A 269 9.43 14.86 10.19
C ALA A 269 10.21 15.51 9.06
N GLY A 270 9.73 16.63 8.52
CA GLY A 270 10.31 17.27 7.36
C GLY A 270 10.25 16.48 6.05
N ILE A 271 9.28 15.61 5.93
CA ILE A 271 9.14 14.72 4.75
C ILE A 271 8.18 15.33 3.72
N ASP A 272 8.41 15.08 2.44
CA ASP A 272 7.55 15.55 1.37
C ASP A 272 6.08 15.19 1.61
N ILE A 273 5.24 16.19 1.51
CA ILE A 273 3.83 16.07 1.83
C ILE A 273 2.92 15.59 0.62
N ALA A 274 3.44 15.60 -0.62
CA ALA A 274 2.56 15.42 -1.76
C ALA A 274 1.73 14.19 -1.73
N LEU A 275 2.31 13.07 -1.37
CA LEU A 275 1.55 11.82 -1.40
C LEU A 275 0.37 11.76 -0.36
N PRO A 276 0.68 11.97 0.95
CA PRO A 276 -0.45 11.97 1.90
C PRO A 276 -1.42 13.15 1.69
N ALA A 277 -0.96 14.29 1.22
CA ALA A 277 -1.83 15.41 0.93
C ALA A 277 -2.85 15.06 -0.16
N THR A 278 -2.45 14.22 -1.13
CA THR A 278 -3.38 13.74 -2.18
C THR A 278 -4.39 12.82 -1.60
N VAL A 279 -3.99 11.95 -0.68
CA VAL A 279 -4.88 11.05 0.05
C VAL A 279 -5.90 11.94 0.83
N LEU A 280 -5.37 12.94 1.55
CA LEU A 280 -6.23 13.85 2.34
C LEU A 280 -7.28 14.57 1.45
N GLU A 281 -6.89 15.04 0.26
CA GLU A 281 -7.80 15.74 -0.63
C GLU A 281 -8.91 14.81 -1.12
N VAL A 282 -8.59 13.54 -1.39
CA VAL A 282 -9.65 12.60 -1.74
C VAL A 282 -10.68 12.49 -0.59
N PHE A 283 -10.21 12.28 0.64
CA PHE A 283 -11.09 12.21 1.78
C PHE A 283 -11.94 13.46 1.87
N ARG A 284 -11.33 14.59 1.72
CA ARG A 284 -12.09 15.86 1.85
C ARG A 284 -13.17 16.02 0.77
N ARG A 285 -12.87 15.62 -0.46
CA ARG A 285 -13.91 15.59 -1.50
C ARG A 285 -15.04 14.65 -1.15
N GLY A 286 -14.80 13.47 -0.53
CA GLY A 286 -15.87 12.63 -0.10
C GLY A 286 -16.76 13.31 0.97
N MET A 287 -16.09 14.02 1.88
CA MET A 287 -16.82 14.75 2.97
C MET A 287 -17.70 15.84 2.29
N LYS A 288 -17.16 16.60 1.39
CA LYS A 288 -17.86 17.66 0.66
C LYS A 288 -19.08 17.16 -0.07
N THR A 289 -19.02 15.93 -0.59
CA THR A 289 -20.16 15.41 -1.35
C THR A 289 -21.11 14.58 -0.48
N GLY A 290 -21.02 14.72 0.86
CA GLY A 290 -21.98 14.18 1.81
C GLY A 290 -21.78 12.87 2.45
N HIS A 291 -20.52 12.33 2.45
CA HIS A 291 -20.32 11.01 2.90
C HIS A 291 -19.72 10.82 4.29
N ALA A 292 -19.76 11.87 5.12
CA ALA A 292 -19.19 11.80 6.49
C ALA A 292 -19.55 10.61 7.31
N SER A 293 -20.81 10.12 7.24
CA SER A 293 -21.26 8.96 7.94
C SER A 293 -21.28 7.65 7.24
N ASP A 294 -20.81 7.62 5.98
CA ASP A 294 -20.67 6.39 5.22
C ASP A 294 -19.26 5.78 5.41
N SER A 295 -19.13 4.55 4.96
CA SER A 295 -17.82 3.87 4.92
C SER A 295 -16.87 4.69 4.05
N PHE A 296 -15.57 4.61 4.38
CA PHE A 296 -14.55 5.25 3.50
C PHE A 296 -14.53 4.58 2.13
N THR A 297 -15.17 3.43 1.97
CA THR A 297 -15.31 2.87 0.61
C THR A 297 -16.11 3.76 -0.32
N SER A 298 -16.95 4.70 0.23
CA SER A 298 -17.64 5.68 -0.56
C SER A 298 -16.70 6.54 -1.43
N LEU A 299 -15.41 6.63 -1.04
CA LEU A 299 -14.46 7.36 -1.85
C LEU A 299 -14.28 6.80 -3.27
N ILE A 300 -14.73 5.59 -3.51
CA ILE A 300 -14.72 5.09 -4.92
C ILE A 300 -15.58 5.96 -5.81
N GLU A 301 -16.63 6.61 -5.23
CA GLU A 301 -17.45 7.50 -6.01
C GLU A 301 -16.73 8.75 -6.43
N ILE A 302 -15.78 9.22 -5.60
CA ILE A 302 -14.93 10.26 -6.01
C ILE A 302 -14.05 9.88 -7.20
N PHE A 303 -13.49 8.68 -7.15
CA PHE A 303 -12.64 8.18 -8.24
C PHE A 303 -13.44 7.95 -9.55
N LYS A 304 -14.68 7.55 -9.45
CA LYS A 304 -15.63 7.36 -10.65
C LYS A 304 -16.18 8.64 -11.33
N ARG B 21 -7.06 -7.16 40.74
CA ARG B 21 -5.65 -7.27 41.21
C ARG B 21 -5.01 -5.98 41.83
N LYS B 22 -5.56 -4.78 41.61
CA LYS B 22 -5.28 -3.65 42.53
C LYS B 22 -6.10 -2.42 42.19
N SER B 23 -5.51 -1.32 41.71
CA SER B 23 -6.21 -0.01 41.81
C SER B 23 -5.68 0.90 40.68
N VAL B 24 -6.56 1.66 40.01
CA VAL B 24 -6.19 2.51 38.85
C VAL B 24 -7.22 3.64 38.64
N THR B 25 -6.78 4.76 38.10
CA THR B 25 -7.66 5.88 37.77
C THR B 25 -7.80 5.97 36.25
N VAL B 26 -9.02 6.23 35.76
CA VAL B 26 -9.28 6.46 34.32
C VAL B 26 -9.89 7.83 34.22
N ILE B 27 -9.22 8.71 33.47
CA ILE B 27 -9.68 10.02 33.20
C ILE B 27 -10.02 10.10 31.73
N GLY B 28 -11.27 10.47 31.45
CA GLY B 28 -11.78 10.48 30.07
C GLY B 28 -12.67 9.27 29.79
N LEU B 29 -13.97 9.53 29.61
CA LEU B 29 -14.96 8.41 29.59
C LEU B 29 -15.72 8.41 28.26
N GLY B 30 -14.98 8.59 27.16
CA GLY B 30 -15.49 8.19 25.85
C GLY B 30 -15.61 6.69 25.79
N PRO B 31 -15.92 6.14 24.63
CA PRO B 31 -16.08 4.70 24.46
C PRO B 31 -14.86 3.90 24.83
N MET B 32 -13.67 4.40 24.47
CA MET B 32 -12.42 3.71 24.85
C MET B 32 -12.20 3.69 26.37
N GLY B 33 -12.31 4.85 27.01
CA GLY B 33 -12.20 4.95 28.47
C GLY B 33 -13.22 4.06 29.21
N GLN B 34 -14.45 4.06 28.70
CA GLN B 34 -15.47 3.19 29.29
C GLN B 34 -15.15 1.71 29.14
N ALA B 35 -14.64 1.29 28.00
CA ALA B 35 -14.34 -0.11 27.80
C ALA B 35 -13.20 -0.54 28.68
N MET B 36 -12.22 0.35 28.86
CA MET B 36 -11.11 0.03 29.74
C MET B 36 -11.49 -0.03 31.20
N ALA B 37 -12.23 0.96 31.68
CA ALA B 37 -12.71 0.91 33.05
C ALA B 37 -13.53 -0.39 33.31
N ASP B 38 -14.34 -0.75 32.35
CA ASP B 38 -15.20 -1.95 32.44
C ASP B 38 -14.36 -3.23 32.63
N VAL B 39 -13.32 -3.36 31.83
CA VAL B 39 -12.42 -4.51 31.93
C VAL B 39 -11.64 -4.52 33.19
N PHE B 40 -11.14 -3.35 33.62
CA PHE B 40 -10.51 -3.29 34.92
C PHE B 40 -11.49 -3.78 36.04
N LEU B 41 -12.74 -3.32 36.01
CA LEU B 41 -13.75 -3.72 37.04
C LEU B 41 -13.97 -5.23 37.01
N GLU B 42 -14.10 -5.75 35.83
CA GLU B 42 -14.26 -7.20 35.66
C GLU B 42 -13.10 -8.00 36.28
N TYR B 43 -11.88 -7.48 36.20
CA TYR B 43 -10.72 -8.19 36.70
C TYR B 43 -10.42 -7.81 38.14
N GLY B 44 -11.40 -7.21 38.83
CA GLY B 44 -11.23 -6.99 40.24
C GLY B 44 -10.47 -5.75 40.69
N TYR B 45 -10.22 -4.79 39.79
CA TYR B 45 -9.55 -3.58 40.18
C TYR B 45 -10.50 -2.64 40.88
N SER B 46 -9.96 -1.89 41.81
CA SER B 46 -10.63 -0.70 42.33
C SER B 46 -10.37 0.40 41.25
N VAL B 47 -11.44 0.98 40.68
CA VAL B 47 -11.32 1.93 39.57
C VAL B 47 -11.91 3.28 39.98
N THR B 48 -11.12 4.36 39.92
CA THR B 48 -11.63 5.71 40.21
C THR B 48 -11.72 6.43 38.86
N VAL B 49 -12.84 7.13 38.60
CA VAL B 49 -13.10 7.79 37.29
C VAL B 49 -13.47 9.26 37.45
N TRP B 50 -13.11 10.07 36.46
CA TRP B 50 -13.49 11.46 36.32
C TRP B 50 -13.72 11.77 34.84
N ASN B 51 -14.72 12.63 34.61
CA ASN B 51 -15.01 13.16 33.28
C ASN B 51 -15.65 14.55 33.43
N ARG B 52 -15.45 15.47 32.50
CA ARG B 52 -15.98 16.83 32.67
CA ARG B 52 -15.99 16.81 32.67
C ARG B 52 -17.51 16.82 32.77
N THR B 53 -18.11 15.85 32.10
CA THR B 53 -19.54 15.65 32.17
C THR B 53 -19.73 14.41 33.01
N SER B 54 -20.23 14.67 34.20
CA SER B 54 -20.26 13.73 35.33
C SER B 54 -21.09 12.50 34.99
N SER B 55 -22.20 12.74 34.25
CA SER B 55 -23.18 11.67 33.98
C SER B 55 -22.67 10.57 33.05
N LYS B 56 -21.63 10.86 32.29
CA LYS B 56 -21.05 9.80 31.40
C LYS B 56 -20.58 8.58 32.23
N ALA B 57 -20.35 8.81 33.53
CA ALA B 57 -19.90 7.76 34.46
C ALA B 57 -21.04 6.88 35.09
N ASP B 58 -22.32 7.19 34.83
CA ASP B 58 -23.39 6.47 35.58
C ASP B 58 -23.33 4.94 35.48
N GLN B 59 -23.13 4.38 34.28
CA GLN B 59 -23.19 2.90 34.15
C GLN B 59 -22.04 2.25 34.92
N LEU B 60 -20.87 2.90 34.85
CA LEU B 60 -19.68 2.39 35.53
C LEU B 60 -19.84 2.43 37.05
N VAL B 61 -20.47 3.49 37.54
CA VAL B 61 -20.72 3.61 39.00
C VAL B 61 -21.63 2.44 39.49
N ALA B 62 -22.64 2.11 38.71
CA ALA B 62 -23.54 0.98 39.03
C ALA B 62 -22.76 -0.32 39.06
N LYS B 63 -21.72 -0.42 38.25
CA LYS B 63 -20.85 -1.59 38.25
C LYS B 63 -19.76 -1.58 39.34
N GLY B 64 -19.68 -0.51 40.15
CA GLY B 64 -18.67 -0.43 41.26
C GLY B 64 -17.53 0.63 41.15
N ALA B 65 -17.46 1.33 40.03
CA ALA B 65 -16.46 2.42 39.84
C ALA B 65 -16.73 3.47 40.86
N ILE B 66 -15.68 4.15 41.31
CA ILE B 66 -15.81 5.26 42.21
C ILE B 66 -15.68 6.57 41.36
N ARG B 67 -16.77 7.29 41.18
CA ARG B 67 -16.76 8.57 40.54
C ARG B 67 -16.38 9.64 41.57
N VAL B 68 -15.44 10.45 41.19
CA VAL B 68 -15.09 11.63 41.95
C VAL B 68 -15.43 12.94 41.23
N SER B 69 -15.62 13.97 42.01
CA SER B 69 -16.10 15.22 41.45
C SER B 69 -15.04 16.02 40.66
N THR B 70 -13.80 15.96 41.13
CA THR B 70 -12.75 16.85 40.60
C THR B 70 -11.51 16.09 40.10
N VAL B 71 -10.76 16.75 39.26
CA VAL B 71 -9.47 16.20 38.68
C VAL B 71 -8.50 15.93 39.86
N ASN B 72 -8.52 16.83 40.86
CA ASN B 72 -7.62 16.70 42.07
CA ASN B 72 -7.63 16.75 42.07
C ASN B 72 -7.87 15.40 42.75
N GLU B 73 -9.15 15.06 42.95
CA GLU B 73 -9.47 13.82 43.61
C GLU B 73 -9.07 12.60 42.79
N ALA B 74 -9.25 12.71 41.47
CA ALA B 74 -8.92 11.61 40.60
C ALA B 74 -7.37 11.35 40.64
N LEU B 75 -6.58 12.40 40.57
CA LEU B 75 -5.09 12.26 40.62
C LEU B 75 -4.68 11.67 41.98
N ALA B 76 -5.30 12.11 43.06
CA ALA B 76 -4.93 11.65 44.42
C ALA B 76 -5.18 10.18 44.66
N ALA B 77 -6.16 9.63 43.95
CA ALA B 77 -6.63 8.27 44.19
C ALA B 77 -5.58 7.17 43.96
N ASN B 78 -4.71 7.38 42.96
CA ASN B 78 -3.83 6.33 42.50
C ASN B 78 -2.55 6.92 41.91
N GLU B 79 -1.53 6.06 41.84
CA GLU B 79 -0.27 6.37 41.14
C GLU B 79 -0.43 6.32 39.63
N LEU B 80 -1.15 5.30 39.16
CA LEU B 80 -1.36 5.11 37.71
C LEU B 80 -2.68 5.73 37.23
N VAL B 81 -2.55 6.62 36.22
CA VAL B 81 -3.67 7.41 35.69
C VAL B 81 -3.71 7.17 34.19
N ILE B 82 -4.76 6.49 33.71
CA ILE B 82 -4.98 6.34 32.27
C ILE B 82 -5.69 7.57 31.68
N LEU B 83 -5.09 8.25 30.73
CA LEU B 83 -5.71 9.39 30.12
C LEU B 83 -6.28 8.95 28.76
N SER B 84 -7.56 8.64 28.75
CA SER B 84 -8.25 8.25 27.53
CA SER B 84 -8.22 8.27 27.46
C SER B 84 -9.02 9.50 27.05
N LEU B 85 -8.31 10.49 26.58
CA LEU B 85 -8.86 11.74 26.21
C LEU B 85 -8.93 11.82 24.66
N THR B 86 -9.60 12.82 24.18
CA THR B 86 -9.75 12.94 22.73
C THR B 86 -8.53 13.58 22.05
N ASP B 87 -7.71 14.35 22.78
CA ASP B 87 -6.58 15.09 22.22
CA ASP B 87 -6.51 14.92 22.21
C ASP B 87 -5.59 15.39 23.34
N TYR B 88 -4.33 15.62 23.02
CA TYR B 88 -3.38 16.12 24.05
C TYR B 88 -3.71 17.50 24.58
N ASN B 89 -4.38 18.34 23.77
CA ASN B 89 -4.83 19.63 24.33
C ASN B 89 -5.71 19.53 25.58
N VAL B 90 -6.50 18.49 25.65
CA VAL B 90 -7.41 18.26 26.77
C VAL B 90 -6.47 18.05 27.98
N MET B 91 -5.41 17.25 27.82
CA MET B 91 -4.46 17.02 28.94
C MET B 91 -3.96 18.29 29.57
N TYR B 92 -3.45 19.18 28.76
CA TYR B 92 -3.00 20.44 29.26
C TYR B 92 -4.11 21.20 29.94
N SER B 93 -5.30 21.20 29.32
CA SER B 93 -6.39 22.03 29.85
C SER B 93 -6.73 21.60 31.27
N ILE B 94 -6.84 20.31 31.50
CA ILE B 94 -7.27 19.82 32.82
C ILE B 94 -6.12 19.74 33.85
N LEU B 95 -4.88 19.48 33.40
CA LEU B 95 -3.77 19.33 34.36
C LEU B 95 -2.96 20.58 34.66
N GLU B 96 -2.87 21.53 33.74
CA GLU B 96 -2.06 22.77 33.96
C GLU B 96 -2.50 23.47 35.23
N PRO B 97 -3.84 23.56 35.46
CA PRO B 97 -4.27 24.32 36.66
C PRO B 97 -3.97 23.62 37.94
N VAL B 98 -3.64 22.33 37.89
CA VAL B 98 -3.30 21.55 39.06
C VAL B 98 -1.86 20.98 38.98
N SER B 99 -0.99 21.75 38.37
CA SER B 99 0.39 21.27 38.02
C SER B 99 1.17 20.89 39.28
N GLU B 100 0.85 21.53 40.42
CA GLU B 100 1.51 21.20 41.70
C GLU B 100 1.14 19.86 42.34
N ASN B 101 0.19 19.11 41.75
CA ASN B 101 -0.28 17.88 42.28
C ASN B 101 0.13 16.65 41.51
N LEU B 102 1.16 16.80 40.67
CA LEU B 102 1.51 15.69 39.74
C LEU B 102 2.74 14.86 40.15
N PHE B 103 3.42 15.22 41.26
CA PHE B 103 4.58 14.42 41.63
C PHE B 103 4.25 13.03 41.93
N GLY B 104 5.03 12.13 41.36
CA GLY B 104 4.84 10.73 41.61
C GLY B 104 3.75 10.01 40.80
N LYS B 105 3.06 10.74 39.96
CA LYS B 105 2.00 10.13 39.15
C LYS B 105 2.62 9.59 37.86
N VAL B 106 1.97 8.55 37.33
CA VAL B 106 2.38 7.98 36.00
C VAL B 106 1.16 8.12 35.09
N LEU B 107 1.25 8.98 34.09
CA LEU B 107 0.18 9.32 33.17
C LEU B 107 0.37 8.46 31.91
N VAL B 108 -0.64 7.69 31.55
CA VAL B 108 -0.56 6.88 30.31
C VAL B 108 -1.45 7.61 29.30
N ASN B 109 -0.84 8.21 28.30
CA ASN B 109 -1.54 9.04 27.32
C ASN B 109 -1.89 8.18 26.16
N LEU B 110 -3.17 8.03 25.91
CA LEU B 110 -3.63 7.25 24.72
C LEU B 110 -4.14 8.08 23.56
N SER B 111 -4.08 9.40 23.58
CA SER B 111 -4.56 10.18 22.44
CA SER B 111 -4.61 10.11 22.41
C SER B 111 -3.70 9.86 21.19
N SER B 112 -4.34 9.69 20.03
CA SER B 112 -3.61 9.61 18.74
C SER B 112 -3.19 10.98 18.23
N ASP B 113 -1.88 11.15 18.07
CA ASP B 113 -1.29 12.33 17.58
C ASP B 113 0.14 11.99 17.12
N THR B 114 0.88 13.04 16.83
CA THR B 114 2.15 12.95 16.27
C THR B 114 3.16 12.49 17.39
N PRO B 115 4.31 12.03 16.92
CA PRO B 115 5.40 11.72 17.86
C PRO B 115 5.82 12.98 18.64
N GLU B 116 5.90 14.15 17.99
CA GLU B 116 6.37 15.37 18.69
C GLU B 116 5.38 15.80 19.76
N LYS B 117 4.11 15.61 19.53
CA LYS B 117 3.13 15.97 20.58
C LYS B 117 3.29 15.11 21.87
N ALA B 118 3.54 13.81 21.71
CA ALA B 118 3.83 12.90 22.78
C ALA B 118 5.13 13.26 23.50
N ARG B 119 6.18 13.62 22.75
CA ARG B 119 7.42 14.06 23.38
C ARG B 119 7.22 15.33 24.22
N LYS B 120 6.51 16.31 23.67
CA LYS B 120 6.34 17.58 24.37
C LYS B 120 5.52 17.35 25.65
N ALA B 121 4.51 16.45 25.62
CA ALA B 121 3.75 16.10 26.80
C ALA B 121 4.58 15.42 27.87
N ALA B 122 5.45 14.50 27.42
CA ALA B 122 6.31 13.86 28.37
C ALA B 122 7.23 14.79 29.12
N LYS B 123 7.85 15.74 28.42
CA LYS B 123 8.78 16.68 29.02
C LYS B 123 8.03 17.60 30.01
N TRP B 124 6.85 18.09 29.57
CA TRP B 124 5.98 18.94 30.43
C TRP B 124 5.67 18.24 31.73
N LEU B 125 5.25 16.99 31.69
CA LEU B 125 4.97 16.18 32.84
C LEU B 125 6.18 15.92 33.75
N GLU B 126 7.32 15.59 33.15
CA GLU B 126 8.56 15.42 33.93
C GLU B 126 8.98 16.68 34.69
N ASP B 127 8.85 17.85 34.10
CA ASP B 127 9.20 19.13 34.71
C ASP B 127 8.32 19.31 36.03
N ARG B 128 7.18 18.66 36.08
CA ARG B 128 6.25 18.74 37.24
C ARG B 128 6.32 17.52 38.14
N GLY B 129 7.30 16.64 37.92
CA GLY B 129 7.54 15.48 38.76
C GLY B 129 6.81 14.23 38.51
N ALA B 130 6.11 14.19 37.35
CA ALA B 130 5.38 13.02 36.91
C ALA B 130 6.18 12.28 35.84
N ARG B 131 5.73 11.06 35.55
CA ARG B 131 6.29 10.26 34.42
C ARG B 131 5.20 9.97 33.38
N HIS B 132 5.58 9.72 32.12
CA HIS B 132 4.66 9.65 30.96
C HIS B 132 4.89 8.33 30.21
N ILE B 133 3.84 7.54 30.00
CA ILE B 133 3.90 6.36 29.07
C ILE B 133 3.00 6.70 27.90
N THR B 134 3.55 6.56 26.67
CA THR B 134 2.76 6.77 25.47
C THR B 134 2.15 5.49 25.06
N GLY B 135 0.85 5.47 24.75
CA GLY B 135 0.23 4.26 24.23
C GLY B 135 -0.53 4.53 22.90
N GLY B 136 -0.33 3.63 21.94
CA GLY B 136 -0.96 3.62 20.62
C GLY B 136 -1.83 2.39 20.50
N VAL B 137 -3.11 2.54 20.84
CA VAL B 137 -4.03 1.38 20.86
C VAL B 137 -4.40 1.03 19.41
N GLN B 138 -4.21 -0.23 19.07
CA GLN B 138 -4.37 -0.70 17.68
C GLN B 138 -5.75 -1.27 17.41
N VAL B 139 -6.65 -1.29 18.39
CA VAL B 139 -8.00 -1.92 18.28
C VAL B 139 -9.11 -0.95 18.71
N PRO B 140 -10.37 -1.24 18.30
CA PRO B 140 -11.45 -0.39 18.75
C PRO B 140 -11.82 -0.81 20.18
N PRO B 141 -12.74 -0.08 20.84
CA PRO B 141 -13.12 -0.44 22.20
C PRO B 141 -13.52 -1.90 22.41
N SER B 142 -14.14 -2.54 21.41
CA SER B 142 -14.50 -3.97 21.47
C SER B 142 -13.32 -4.92 21.61
N GLY B 143 -12.11 -4.49 21.22
CA GLY B 143 -10.90 -5.29 21.39
C GLY B 143 -10.24 -5.23 22.77
N ILE B 144 -10.70 -4.32 23.64
CA ILE B 144 -10.17 -4.22 25.01
C ILE B 144 -10.57 -5.44 25.84
N GLY B 145 -9.61 -6.03 26.51
CA GLY B 145 -9.80 -7.27 27.25
C GLY B 145 -9.39 -8.55 26.51
N LYS B 146 -8.95 -8.39 25.27
CA LYS B 146 -8.57 -9.57 24.45
C LYS B 146 -7.06 -9.64 24.20
N SER B 147 -6.44 -10.79 24.43
CA SER B 147 -4.99 -10.91 24.36
C SER B 147 -4.50 -10.81 22.92
N GLU B 148 -5.36 -11.08 21.93
CA GLU B 148 -4.94 -10.91 20.49
C GLU B 148 -4.81 -9.42 20.15
N SER B 149 -5.34 -8.54 21.01
CA SER B 149 -5.24 -7.10 20.76
C SER B 149 -3.86 -6.60 21.24
N TYR B 150 -3.29 -5.67 20.52
CA TYR B 150 -1.99 -5.07 20.91
C TYR B 150 -2.10 -3.55 21.03
N THR B 151 -1.33 -3.01 21.95
CA THR B 151 -1.08 -1.54 22.05
C THR B 151 0.41 -1.27 22.02
N TYR B 152 0.86 -0.32 21.22
CA TYR B 152 2.26 0.12 21.22
C TYR B 152 2.52 0.98 22.45
N TYR B 153 3.63 0.76 23.14
CA TYR B 153 4.01 1.58 24.25
C TYR B 153 5.40 2.07 24.15
N SER B 154 5.64 3.32 24.59
CA SER B 154 6.99 3.85 24.64
C SER B 154 7.17 4.87 25.76
N GLY B 155 8.41 5.14 26.10
CA GLY B 155 8.71 5.96 27.30
C GLY B 155 9.74 5.20 28.17
N ASP B 156 10.00 5.69 29.36
CA ASP B 156 11.05 5.10 30.21
CA ASP B 156 11.03 5.12 30.21
C ASP B 156 10.80 3.63 30.45
N ARG B 157 11.80 2.80 30.22
CA ARG B 157 11.59 1.33 30.30
C ARG B 157 11.24 0.88 31.74
N VAL B 158 11.86 1.53 32.71
CA VAL B 158 11.61 1.13 34.14
CA VAL B 158 11.64 1.18 34.16
C VAL B 158 10.19 1.50 34.57
N VAL B 159 9.69 2.65 34.10
CA VAL B 159 8.33 3.08 34.39
C VAL B 159 7.35 2.10 33.71
N PHE B 160 7.59 1.82 32.42
CA PHE B 160 6.79 0.85 31.71
C PHE B 160 6.76 -0.53 32.41
N GLU B 161 7.93 -1.04 32.81
CA GLU B 161 7.91 -2.36 33.40
C GLU B 161 7.15 -2.37 34.73
N ALA B 162 7.20 -1.26 35.45
CA ALA B 162 6.50 -1.21 36.75
C ALA B 162 4.99 -1.32 36.61
N HIS B 163 4.45 -0.94 35.44
CA HIS B 163 3.01 -0.91 35.24
C HIS B 163 2.49 -1.87 34.19
N ARG B 164 3.39 -2.63 33.61
CA ARG B 164 3.05 -3.50 32.53
C ARG B 164 1.95 -4.49 32.83
N GLU B 165 2.03 -5.06 34.02
CA GLU B 165 1.02 -6.01 34.43
C GLU B 165 -0.40 -5.42 34.40
N THR B 166 -0.59 -4.22 34.95
CA THR B 166 -1.89 -3.58 34.86
C THR B 166 -2.28 -3.27 33.38
N LEU B 167 -1.36 -2.69 32.61
CA LEU B 167 -1.65 -2.35 31.21
C LEU B 167 -2.06 -3.59 30.44
N GLU B 168 -1.44 -4.73 30.73
CA GLU B 168 -1.74 -6.00 30.00
C GLU B 168 -3.07 -6.67 30.38
N VAL B 169 -3.75 -6.14 31.39
CA VAL B 169 -5.15 -6.49 31.58
C VAL B 169 -6.01 -5.98 30.41
N LEU B 170 -5.61 -4.85 29.80
CA LEU B 170 -6.37 -4.28 28.70
C LEU B 170 -6.11 -4.95 27.32
N THR B 171 -4.84 -5.14 27.00
CA THR B 171 -4.38 -5.72 25.73
C THR B 171 -2.97 -6.28 25.92
N SER B 172 -2.46 -7.06 24.95
CA SER B 172 -1.05 -7.36 24.87
C SER B 172 -0.24 -6.09 24.58
N SER B 173 1.01 -6.06 24.98
CA SER B 173 1.83 -4.88 24.83
C SER B 173 2.91 -5.07 23.80
N ASP B 174 3.28 -3.98 23.12
CA ASP B 174 4.44 -3.97 22.28
C ASP B 174 5.25 -2.77 22.62
N TYR B 175 6.22 -2.94 23.53
CA TYR B 175 7.06 -1.85 23.94
C TYR B 175 8.11 -1.54 22.86
N ARG B 176 8.12 -0.33 22.35
CA ARG B 176 9.03 0.06 21.23
C ARG B 176 10.29 0.82 21.57
N GLY B 177 10.48 1.27 22.80
CA GLY B 177 11.70 2.00 23.17
C GLY B 177 11.48 3.20 24.09
N GLU B 178 12.58 3.88 24.40
CA GLU B 178 12.54 4.90 25.46
CA GLU B 178 12.71 4.99 25.38
C GLU B 178 11.94 6.24 24.99
N ASP B 179 12.04 6.56 23.73
CA ASP B 179 11.54 7.84 23.22
C ASP B 179 10.03 7.78 23.31
N PRO B 180 9.43 8.76 24.00
CA PRO B 180 7.97 8.82 24.09
C PRO B 180 7.26 8.92 22.71
N GLY B 181 7.94 9.46 21.69
CA GLY B 181 7.33 9.61 20.36
C GLY B 181 7.14 8.25 19.65
N LEU B 182 7.85 7.18 20.08
CA LEU B 182 7.84 5.93 19.27
C LEU B 182 6.54 5.18 19.16
N ALA B 183 5.73 5.14 20.23
CA ALA B 183 4.45 4.54 20.14
C ALA B 183 3.58 5.20 19.08
N MET B 184 3.67 6.51 18.94
CA MET B 184 2.92 7.22 17.91
C MET B 184 3.57 7.04 16.52
N LEU B 185 4.88 6.98 16.49
CA LEU B 185 5.63 6.84 15.24
C LEU B 185 5.19 5.57 14.54
N TYR B 186 5.28 4.46 15.21
CA TYR B 186 4.94 3.15 14.60
C TYR B 186 3.46 3.08 14.14
N TYR B 187 2.55 3.63 14.98
CA TYR B 187 1.15 3.73 14.61
C TYR B 187 0.90 4.56 13.32
N GLN B 188 1.44 5.77 13.28
CA GLN B 188 1.16 6.66 12.18
C GLN B 188 1.80 6.20 10.87
N ILE B 189 3.01 5.66 10.93
CA ILE B 189 3.67 5.21 9.64
C ILE B 189 2.91 3.94 9.10
N GLN B 190 2.35 3.10 9.96
CA GLN B 190 1.52 1.98 9.47
C GLN B 190 0.22 2.52 8.83
N MET B 191 -0.35 3.60 9.39
CA MET B 191 -1.53 4.19 8.79
C MET B 191 -1.26 4.89 7.48
N ASP B 192 -0.08 5.47 7.28
CA ASP B 192 0.34 6.06 6.02
C ASP B 192 0.20 4.93 4.90
N ILE B 193 0.73 3.75 5.19
CA ILE B 193 0.58 2.59 4.25
C ILE B 193 -0.90 2.16 4.10
N PHE B 194 -1.60 1.97 5.21
CA PHE B 194 -2.98 1.54 5.16
C PHE B 194 -3.83 2.38 4.25
N TRP B 195 -3.87 3.69 4.53
CA TRP B 195 -4.79 4.52 3.76
C TRP B 195 -4.38 4.72 2.28
N THR B 196 -3.09 4.83 2.04
CA THR B 196 -2.63 5.07 0.71
C THR B 196 -2.83 3.81 -0.13
N ALA B 197 -2.42 2.69 0.40
CA ALA B 197 -2.60 1.40 -0.31
C ALA B 197 -4.08 1.04 -0.48
N MET B 198 -4.92 1.26 0.55
CA MET B 198 -6.35 0.96 0.35
C MET B 198 -7.02 1.90 -0.64
N LEU B 199 -6.64 3.19 -0.69
CA LEU B 199 -7.16 4.02 -1.71
C LEU B 199 -6.71 3.55 -3.11
N SER B 200 -5.49 3.05 -3.22
CA SER B 200 -5.06 2.59 -4.53
C SER B 200 -5.85 1.39 -5.00
N TYR B 201 -6.28 0.55 -4.08
CA TYR B 201 -7.20 -0.57 -4.33
C TYR B 201 -8.54 -0.05 -4.85
N LEU B 202 -9.11 0.97 -4.20
CA LEU B 202 -10.38 1.58 -4.72
C LEU B 202 -10.26 2.21 -6.07
N HIS B 203 -9.14 2.87 -6.29
CA HIS B 203 -8.81 3.49 -7.52
C HIS B 203 -8.71 2.42 -8.68
N ALA B 204 -7.93 1.40 -8.41
CA ALA B 204 -7.79 0.24 -9.34
C ALA B 204 -9.18 -0.41 -9.61
N LEU B 205 -9.96 -0.60 -8.56
CA LEU B 205 -11.33 -1.14 -8.71
C LEU B 205 -12.19 -0.24 -9.58
N ALA B 206 -12.10 1.10 -9.45
CA ALA B 206 -12.88 1.96 -10.30
C ALA B 206 -12.57 1.79 -11.81
N ILE B 207 -11.24 1.64 -12.11
CA ILE B 207 -10.78 1.33 -13.49
C ILE B 207 -11.41 0.01 -13.93
N ALA B 208 -11.37 -1.01 -13.09
CA ALA B 208 -11.85 -2.35 -13.45
C ALA B 208 -13.37 -2.24 -13.74
N ASN B 209 -14.07 -1.57 -12.85
CA ASN B 209 -15.53 -1.33 -13.08
C ASN B 209 -15.81 -0.63 -14.41
N ALA B 210 -15.03 0.37 -14.79
CA ALA B 210 -15.26 1.09 -16.03
C ALA B 210 -15.09 0.15 -17.27
N ASN B 211 -14.38 -0.96 -17.09
CA ASN B 211 -14.11 -1.96 -18.14
C ASN B 211 -14.94 -3.21 -17.98
N GLY B 212 -15.94 -3.14 -17.15
CA GLY B 212 -16.87 -4.24 -16.97
C GLY B 212 -16.55 -5.29 -15.96
N ILE B 213 -15.53 -5.08 -15.13
CA ILE B 213 -15.10 -6.10 -14.21
C ILE B 213 -15.54 -5.76 -12.79
N THR B 214 -16.01 -6.75 -12.06
CA THR B 214 -16.52 -6.58 -10.70
C THR B 214 -15.44 -6.70 -9.61
N ALA B 215 -15.79 -6.29 -8.38
CA ALA B 215 -14.89 -6.52 -7.29
C ALA B 215 -14.67 -7.99 -7.02
N GLU B 216 -15.71 -8.82 -7.23
CA GLU B 216 -15.54 -10.27 -7.05
C GLU B 216 -14.52 -10.88 -8.02
N GLN B 217 -14.54 -10.41 -9.24
CA GLN B 217 -13.59 -10.80 -10.30
C GLN B 217 -12.15 -10.33 -9.96
N PHE B 218 -12.04 -9.10 -9.46
CA PHE B 218 -10.73 -8.55 -9.08
C PHE B 218 -10.14 -9.10 -7.83
N LEU B 219 -10.98 -9.54 -6.86
CA LEU B 219 -10.56 -10.03 -5.58
C LEU B 219 -9.27 -10.87 -5.52
N PRO B 220 -9.19 -12.00 -6.21
CA PRO B 220 -7.99 -12.82 -6.04
C PRO B 220 -6.71 -12.15 -6.57
N TYR B 221 -6.86 -11.25 -7.52
CA TYR B 221 -5.71 -10.57 -8.16
C TYR B 221 -5.28 -9.39 -7.26
N ALA B 222 -6.24 -8.65 -6.76
CA ALA B 222 -5.90 -7.56 -5.75
C ALA B 222 -5.26 -8.22 -4.52
N SER B 223 -5.83 -9.31 -4.01
CA SER B 223 -5.27 -9.99 -2.87
C SER B 223 -3.89 -10.48 -3.11
N ALA B 224 -3.65 -11.12 -4.25
CA ALA B 224 -2.36 -11.68 -4.57
C ALA B 224 -1.29 -10.56 -4.66
N MET B 225 -1.65 -9.43 -5.23
CA MET B 225 -0.67 -8.35 -5.34
C MET B 225 -0.31 -7.85 -3.96
N MET B 226 -1.33 -7.61 -3.13
CA MET B 226 -1.06 -7.14 -1.77
CA MET B 226 -1.09 -7.12 -1.78
C MET B 226 -0.21 -8.06 -0.94
N SER B 227 -0.49 -9.38 -1.04
CA SER B 227 0.24 -10.36 -0.34
C SER B 227 1.66 -10.50 -0.81
N SER B 228 1.93 -10.06 -2.03
CA SER B 228 3.30 -10.11 -2.55
C SER B 228 4.19 -8.96 -2.05
N LEU B 229 3.58 -7.91 -1.52
CA LEU B 229 4.40 -6.69 -1.21
C LEU B 229 5.44 -6.88 -0.12
N PRO B 230 5.15 -7.69 0.91
CA PRO B 230 6.21 -7.98 1.93
C PRO B 230 7.50 -8.56 1.36
N LYS B 231 7.40 -9.36 0.29
CA LYS B 231 8.58 -9.96 -0.31
C LYS B 231 9.48 -8.89 -0.93
N PHE B 232 8.88 -7.85 -1.47
CA PHE B 232 9.63 -6.68 -2.01
C PHE B 232 10.23 -5.89 -0.86
N VAL B 233 9.45 -5.60 0.17
CA VAL B 233 9.98 -4.92 1.35
C VAL B 233 11.14 -5.69 1.95
N GLU B 234 11.07 -7.01 2.07
CA GLU B 234 12.18 -7.80 2.59
C GLU B 234 13.41 -7.69 1.72
N PHE B 235 13.25 -7.75 0.40
CA PHE B 235 14.37 -7.62 -0.58
C PHE B 235 15.10 -6.29 -0.45
N TYR B 236 14.33 -5.21 -0.38
CA TYR B 236 14.96 -3.87 -0.45
C TYR B 236 15.40 -3.35 0.92
N THR B 237 14.89 -3.90 2.02
CA THR B 237 15.27 -3.47 3.39
C THR B 237 16.78 -3.31 3.65
N PRO B 238 17.59 -4.36 3.42
CA PRO B 238 19.04 -4.24 3.70
C PRO B 238 19.73 -3.26 2.79
N ARG B 239 19.27 -3.10 1.54
CA ARG B 239 19.83 -2.08 0.60
C ARG B 239 19.52 -0.63 1.12
N LEU B 240 18.25 -0.43 1.47
CA LEU B 240 17.83 0.85 2.01
C LEU B 240 18.66 1.20 3.24
N ASP B 241 18.89 0.23 4.12
CA ASP B 241 19.69 0.50 5.34
C ASP B 241 21.17 0.81 5.06
N GLU B 242 21.64 0.38 3.90
CA GLU B 242 22.98 0.79 3.42
C GLU B 242 23.03 2.09 2.61
N GLY B 243 21.89 2.64 2.25
CA GLY B 243 21.77 3.79 1.40
C GLY B 243 22.14 3.47 -0.05
N GLU B 244 21.96 2.22 -0.43
CA GLU B 244 22.30 1.71 -1.77
C GLU B 244 21.06 1.52 -2.64
N HIS B 245 21.10 2.10 -3.83
CA HIS B 245 20.02 2.05 -4.79
C HIS B 245 20.51 1.58 -6.18
N PRO B 246 21.27 0.47 -6.23
CA PRO B 246 21.77 0.09 -7.59
C PRO B 246 20.68 -0.36 -8.47
N GLY B 247 20.82 -0.17 -9.78
CA GLY B 247 19.83 -0.63 -10.70
C GLY B 247 19.98 -2.04 -11.20
N ASP B 248 20.37 -2.97 -10.33
CA ASP B 248 20.63 -4.35 -10.81
C ASP B 248 19.40 -5.20 -11.07
N VAL B 249 18.27 -4.99 -10.37
CA VAL B 249 17.03 -5.69 -10.59
C VAL B 249 15.95 -4.80 -11.09
N ASP B 250 16.14 -3.47 -11.04
CA ASP B 250 15.12 -2.58 -11.52
C ASP B 250 15.75 -1.17 -11.74
N ARG B 251 15.23 -0.47 -12.76
CA ARG B 251 15.74 0.89 -13.08
C ARG B 251 14.58 1.90 -13.02
N LEU B 252 14.89 3.06 -12.41
CA LEU B 252 13.83 4.10 -12.27
C LEU B 252 13.17 4.47 -13.58
N ALA B 253 13.94 4.59 -14.69
CA ALA B 253 13.35 4.99 -15.96
C ALA B 253 12.28 4.02 -16.39
N MET B 254 12.50 2.75 -16.09
CA MET B 254 11.51 1.71 -16.46
C MET B 254 10.24 1.83 -15.54
N GLY B 255 10.46 2.11 -14.29
CA GLY B 255 9.35 2.42 -13.35
C GLY B 255 8.53 3.58 -13.80
N LEU B 256 9.20 4.70 -14.20
CA LEU B 256 8.47 5.84 -14.73
C LEU B 256 7.55 5.49 -15.91
N ALA B 257 8.10 4.71 -16.88
CA ALA B 257 7.31 4.32 -17.99
C ALA B 257 6.08 3.47 -17.60
N SER B 258 6.26 2.60 -16.64
CA SER B 258 5.18 1.80 -16.10
C SER B 258 4.04 2.66 -15.42
N VAL B 259 4.48 3.64 -14.66
CA VAL B 259 3.53 4.55 -14.04
C VAL B 259 2.80 5.36 -15.05
N GLU B 260 3.49 5.82 -16.10
CA GLU B 260 2.85 6.55 -17.21
C GLU B 260 1.72 5.75 -17.85
N HIS B 261 1.93 4.44 -18.06
CA HIS B 261 0.86 3.58 -18.55
C HIS B 261 -0.33 3.43 -17.59
N VAL B 262 -0.06 3.45 -16.27
CA VAL B 262 -1.17 3.44 -15.29
C VAL B 262 -1.99 4.77 -15.42
N VAL B 263 -1.29 5.90 -15.50
CA VAL B 263 -1.94 7.18 -15.68
C VAL B 263 -2.78 7.20 -16.97
N HIS B 264 -2.23 6.74 -18.09
CA HIS B 264 -3.00 6.66 -19.29
C HIS B 264 -4.23 5.79 -19.20
N THR B 265 -4.11 4.62 -18.55
CA THR B 265 -5.15 3.65 -18.37
C THR B 265 -6.29 4.34 -17.60
N THR B 266 -5.88 5.09 -16.57
CA THR B 266 -6.83 5.84 -15.74
C THR B 266 -7.60 6.87 -16.56
N GLN B 267 -6.91 7.70 -17.34
CA GLN B 267 -7.52 8.76 -18.14
C GLN B 267 -8.45 8.19 -19.17
N GLU B 268 -8.06 7.09 -19.82
CA GLU B 268 -8.92 6.39 -20.82
C GLU B 268 -10.19 5.87 -20.22
N ALA B 269 -10.18 5.46 -18.94
CA ALA B 269 -11.30 4.89 -18.21
C ALA B 269 -12.24 5.96 -17.59
N GLY B 270 -11.87 7.21 -17.78
CA GLY B 270 -12.53 8.37 -17.17
C GLY B 270 -12.47 8.44 -15.68
N ILE B 271 -11.46 7.82 -15.10
CA ILE B 271 -11.32 7.77 -13.59
C ILE B 271 -10.45 8.96 -13.14
N ASP B 272 -10.71 9.44 -11.91
CA ASP B 272 -9.93 10.57 -11.35
C ASP B 272 -8.45 10.27 -11.35
N ILE B 273 -7.70 11.23 -11.84
CA ILE B 273 -6.27 11.12 -12.09
C ILE B 273 -5.38 11.50 -10.87
N ALA B 274 -5.92 12.15 -9.84
CA ALA B 274 -5.05 12.77 -8.84
C ALA B 274 -4.09 11.83 -8.18
N LEU B 275 -4.53 10.63 -7.81
CA LEU B 275 -3.67 9.71 -7.05
C LEU B 275 -2.49 9.19 -7.90
N PRO B 276 -2.81 8.58 -9.07
CA PRO B 276 -1.63 8.17 -9.90
C PRO B 276 -0.82 9.30 -10.47
N ALA B 277 -1.39 10.50 -10.70
CA ALA B 277 -0.61 11.67 -11.08
C ALA B 277 0.37 12.12 -10.04
N THR B 278 0.01 11.97 -8.80
CA THR B 278 0.97 12.25 -7.70
C THR B 278 2.15 11.26 -7.69
N VAL B 279 1.82 9.96 -7.86
CA VAL B 279 2.88 8.94 -7.99
C VAL B 279 3.82 9.30 -9.15
N LEU B 280 3.23 9.59 -10.32
CA LEU B 280 3.98 9.95 -11.50
C LEU B 280 4.93 11.16 -11.22
N GLU B 281 4.46 12.15 -10.53
CA GLU B 281 5.27 13.33 -10.26
C GLU B 281 6.43 13.04 -9.31
N VAL B 282 6.26 12.14 -8.37
CA VAL B 282 7.37 11.66 -7.55
C VAL B 282 8.46 11.04 -8.44
N PHE B 283 8.04 10.10 -9.30
CA PHE B 283 8.97 9.46 -10.27
C PHE B 283 9.69 10.49 -11.12
N ARG B 284 8.95 11.46 -11.63
CA ARG B 284 9.57 12.51 -12.47
C ARG B 284 10.56 13.34 -11.70
N ARG B 285 10.28 13.65 -10.46
CA ARG B 285 11.25 14.36 -9.65
C ARG B 285 12.50 13.58 -9.43
N GLY B 286 12.42 12.28 -9.23
CA GLY B 286 13.61 11.46 -9.12
C GLY B 286 14.43 11.41 -10.41
N MET B 287 13.76 11.31 -11.55
CA MET B 287 14.43 11.33 -12.85
C MET B 287 15.19 12.62 -13.07
N LYS B 288 14.53 13.72 -12.77
CA LYS B 288 15.13 15.07 -12.93
C LYS B 288 16.18 15.45 -11.97
N THR B 289 16.45 14.64 -10.95
CA THR B 289 17.59 14.75 -10.11
C THR B 289 18.68 13.73 -10.33
N GLY B 290 18.61 13.07 -11.48
CA GLY B 290 19.70 12.21 -11.95
C GLY B 290 19.71 10.77 -11.56
N HIS B 291 18.53 10.16 -11.42
CA HIS B 291 18.44 8.78 -10.94
C HIS B 291 17.96 7.76 -11.96
N ALA B 292 18.06 8.07 -13.27
CA ALA B 292 17.49 7.16 -14.32
C ALA B 292 17.94 5.69 -14.18
N SER B 293 19.18 5.43 -13.82
CA SER B 293 19.77 4.08 -13.77
C SER B 293 19.79 3.45 -12.37
N ASP B 294 19.23 4.16 -11.37
CA ASP B 294 19.12 3.58 -10.02
C ASP B 294 17.79 2.85 -9.79
N SER B 295 17.76 2.05 -8.72
CA SER B 295 16.49 1.43 -8.27
C SER B 295 15.48 2.50 -7.96
N PHE B 296 14.21 2.20 -8.19
CA PHE B 296 13.12 3.11 -7.67
C PHE B 296 13.19 3.41 -6.21
N THR B 297 13.95 2.65 -5.43
CA THR B 297 14.14 2.94 -3.98
C THR B 297 14.82 4.28 -3.79
N SER B 298 15.51 4.74 -4.83
CA SER B 298 16.15 6.04 -4.81
C SER B 298 15.13 7.17 -4.58
N LEU B 299 13.86 6.94 -4.87
CA LEU B 299 12.80 7.93 -4.57
C LEU B 299 12.66 8.30 -3.08
N ILE B 300 13.26 7.53 -2.21
CA ILE B 300 13.27 7.93 -0.80
C ILE B 300 14.03 9.25 -0.63
N GLU B 301 14.94 9.54 -1.55
CA GLU B 301 15.62 10.83 -1.53
C GLU B 301 14.72 11.97 -1.85
N ILE B 302 13.71 11.79 -2.70
CA ILE B 302 12.74 12.79 -2.96
C ILE B 302 11.87 13.03 -1.70
N PHE B 303 11.44 11.95 -1.03
CA PHE B 303 10.60 12.09 0.15
C PHE B 303 11.40 12.81 1.27
N LYS B 304 12.70 12.54 1.34
CA LYS B 304 13.56 13.02 2.43
C LYS B 304 13.74 14.49 2.23
N ASN B 305 13.86 14.93 0.98
CA ASN B 305 14.36 16.26 0.63
C ASN B 305 13.14 17.01 1.02
N SER B 306 12.58 17.81 0.13
CA SER B 306 11.25 18.37 0.39
C SER B 306 10.73 17.85 1.77
#